data_8EFP
#
_entry.id   8EFP
#
_cell.length_a   1.00
_cell.length_b   1.00
_cell.length_c   1.00
_cell.angle_alpha   90.00
_cell.angle_beta   90.00
_cell.angle_gamma   90.00
#
_symmetry.space_group_name_H-M   'P 1'
#
loop_
_entity.id
_entity.type
_entity.pdbx_description
1 polymer 'Probable E3 ubiquitin-protein ligase ipaH7.8'
2 polymer Gasdermin-B
#
loop_
_entity_poly.entity_id
_entity_poly.type
_entity_poly.pdbx_seq_one_letter_code
_entity_poly.pdbx_strand_id
1 'polypeptide(L)'
;MFSVNNTHSSVSCSPSINSNSTSNEHYLRILTEWEKNSSPGEERGIAFNRLSQCFQNQEAVLNLSDLNLTSLPELPKHIS
ALIVENNKLTSLPKLPAFLKELNADNNRLSVIPELPESLTTLSVRSNQLENLPVLPNHLTSLFVENNRLYNLPALPEKLK
FLHVYYNRLTTLPDLPDKLEILCAQRNNLVTFPQFSDRNNIRQKEYYFHFNQITTLPESFSQLDSSYRINISGNPLSTRV
LQSLQRLTSSPDYHGPQIYFSMSDGQQNTLHRPLADAVTAWFPENKQSDVSQIWHAFEHEEHANTFSAFLDRLSDTVSAR
NTSGFREQVAAWLEKLSASAELRQQSFAVAADATESCEDRVALTWNNLRKTLLVHQASEGLFDNDTGALLSLGREMFRLE
ILEDIARDKVRTLHFVDEIEVYLAFQTMLAEKLQLSTAVKEMRFYGVSGVTANDLRTAEAMVRSREENEFTDWFSLWGPW
HAVLKRTEADRWAQAEEQKYEMLENEYSQRVADRLKASGLSGDADAEREAGAQVMRETEQQIYRQLTDEVLALRLSENGS
RLHHS
;
B
2 'polypeptide(L)'
;MFSVFEEITRIVVKEMDAGGDMIAVRSLVDADRFRCFHLVGEKRTFFGCRHYTTGLTLMDILDTDGDKWLDELDSGLQGQ
KAEFQILDNVDSTGELIVRLPKEITISGSFQGFHHQKIKISENRISQQYLATLENRKLKRELPFSFRSINTRENLYLVTE
TLETVKEETLKSDRQYKFWSQISQGHLSYKHKGQREVTIPPNRVLSYRVKQLVFPNKETMNIHFRGKTKSFPEEKDGASS
CLGKSLGSEDSRNMKEKLEDMESVLKDLTEEKRKDVLNSLAKCLGKEDIRQDLEQRVSEVLISGELHMEDPDKPLLSSLF
NAAGVLVEARAKAILDFLDALLELSEEQQFVAEALEKGTLPLLKDQVKSVMEQNWDELASSPPDMDYDPEARILCALYVV
VSILLELAEGPTSVSS
;
C
#
# COMPACT_ATOMS: atom_id res chain seq x y z
N THR A 22 -38.22 -13.87 37.75
CA THR A 22 -37.03 -13.88 38.60
C THR A 22 -35.74 -13.95 37.79
N SER A 23 -35.82 -14.48 36.57
CA SER A 23 -34.61 -14.68 35.77
C SER A 23 -33.97 -13.34 35.40
N ASN A 24 -34.79 -12.40 34.91
CA ASN A 24 -34.29 -11.05 34.68
C ASN A 24 -33.82 -10.43 35.98
N GLU A 25 -34.43 -10.80 37.11
CA GLU A 25 -34.00 -10.26 38.40
C GLU A 25 -32.59 -10.70 38.75
N HIS A 26 -32.29 -11.99 38.57
CA HIS A 26 -30.90 -12.41 38.76
C HIS A 26 -29.98 -11.64 37.83
N TYR A 27 -30.23 -11.67 36.51
CA TYR A 27 -29.32 -10.94 35.62
C TYR A 27 -29.11 -9.50 36.07
N LEU A 28 -30.17 -8.79 36.45
CA LEU A 28 -29.97 -7.43 36.95
C LEU A 28 -29.03 -7.41 38.14
N ARG A 29 -29.29 -8.24 39.16
CA ARG A 29 -28.50 -8.11 40.39
C ARG A 29 -27.05 -8.56 40.19
N ILE A 30 -26.82 -9.62 39.43
CA ILE A 30 -25.44 -10.06 39.20
C ILE A 30 -24.71 -9.03 38.34
N LEU A 31 -25.39 -8.43 37.38
CA LEU A 31 -24.79 -7.33 36.63
C LEU A 31 -24.42 -6.18 37.56
N THR A 32 -25.29 -5.86 38.52
CA THR A 32 -24.99 -4.77 39.44
C THR A 32 -23.78 -5.11 40.32
N GLU A 33 -23.68 -6.35 40.77
CA GLU A 33 -22.52 -6.76 41.57
C GLU A 33 -21.24 -6.64 40.75
N TRP A 34 -21.28 -7.17 39.53
CA TRP A 34 -20.09 -7.16 38.63
C TRP A 34 -19.81 -5.72 38.20
N GLU A 35 -20.80 -4.82 38.34
CA GLU A 35 -20.61 -3.43 37.96
C GLU A 35 -20.01 -2.62 39.10
N LYS A 36 -20.34 -2.98 40.34
CA LYS A 36 -19.93 -2.15 41.46
C LYS A 36 -18.92 -2.83 42.37
N ASN A 37 -18.39 -3.96 41.91
CA ASN A 37 -17.30 -4.62 42.65
C ASN A 37 -16.17 -4.68 41.62
N SER A 38 -16.43 -4.01 40.51
CA SER A 38 -15.33 -3.85 39.56
C SER A 38 -14.24 -3.22 40.42
N SER A 39 -12.99 -3.58 40.13
CA SER A 39 -11.90 -2.79 40.74
C SER A 39 -12.18 -1.44 40.09
N PRO A 40 -12.15 -0.30 40.79
CA PRO A 40 -12.64 0.98 40.23
C PRO A 40 -11.85 1.56 39.06
N GLY A 41 -11.90 0.92 37.88
CA GLY A 41 -11.27 1.47 36.67
C GLY A 41 -12.01 0.98 35.45
N GLU A 42 -13.22 1.51 35.20
CA GLU A 42 -13.95 1.13 33.98
C GLU A 42 -15.08 2.08 33.63
N GLU A 43 -15.48 2.03 32.35
CA GLU A 43 -16.69 2.71 31.89
C GLU A 43 -17.92 1.81 32.01
N ARG A 44 -18.06 1.18 33.17
CA ARG A 44 -19.09 0.17 33.31
C ARG A 44 -20.44 0.75 33.75
N GLY A 45 -20.51 2.04 34.09
CA GLY A 45 -21.82 2.67 34.21
C GLY A 45 -22.51 2.79 32.86
N ILE A 46 -21.78 3.30 31.86
CA ILE A 46 -22.28 3.29 30.50
C ILE A 46 -22.46 1.86 30.01
N ALA A 47 -21.53 0.97 30.36
CA ALA A 47 -21.74 -0.43 30.01
C ALA A 47 -23.03 -0.96 30.62
N PHE A 48 -23.38 -0.49 31.82
CA PHE A 48 -24.57 -1.00 32.49
C PHE A 48 -25.85 -0.50 31.85
N ASN A 49 -25.94 0.78 31.51
CA ASN A 49 -27.19 1.22 30.89
C ASN A 49 -27.29 0.67 29.47
N ARG A 50 -26.13 0.41 28.84
CA ARG A 50 -26.12 -0.34 27.59
C ARG A 50 -26.68 -1.74 27.78
N LEU A 51 -26.28 -2.43 28.85
CA LEU A 51 -26.84 -3.77 29.11
C LEU A 51 -28.29 -3.73 29.59
N SER A 52 -28.73 -2.63 30.20
CA SER A 52 -30.15 -2.52 30.53
C SER A 52 -30.98 -2.41 29.26
N GLN A 53 -30.49 -1.62 28.29
CA GLN A 53 -31.17 -1.58 26.99
C GLN A 53 -30.76 -2.74 26.10
N CYS A 54 -29.86 -3.61 26.57
CA CYS A 54 -29.38 -4.75 25.79
C CYS A 54 -30.01 -6.05 26.28
N PHE A 55 -30.62 -6.01 27.46
CA PHE A 55 -31.51 -7.09 27.89
C PHE A 55 -32.97 -6.66 27.86
N GLN A 56 -33.34 -5.57 28.51
CA GLN A 56 -34.62 -4.95 28.25
C GLN A 56 -34.69 -4.58 26.78
N ASN A 57 -35.54 -5.28 26.04
CA ASN A 57 -35.70 -5.26 24.59
C ASN A 57 -34.59 -6.02 23.85
N GLN A 58 -33.52 -6.41 24.54
CA GLN A 58 -32.42 -7.20 23.96
C GLN A 58 -32.02 -6.69 22.58
N GLU A 59 -31.46 -5.48 22.54
CA GLU A 59 -31.07 -4.89 21.27
C GLU A 59 -30.18 -5.84 20.47
N ALA A 60 -30.22 -5.70 19.15
CA ALA A 60 -29.34 -6.48 18.28
C ALA A 60 -27.90 -5.99 18.48
N VAL A 61 -26.96 -6.66 17.81
CA VAL A 61 -25.54 -6.29 17.81
C VAL A 61 -24.94 -6.39 19.21
N LEU A 62 -25.62 -5.82 20.22
CA LEU A 62 -25.18 -5.92 21.61
C LEU A 62 -23.72 -5.48 21.75
N ASN A 63 -23.39 -4.38 21.07
CA ASN A 63 -22.00 -3.93 20.98
C ASN A 63 -21.43 -3.65 22.37
N LEU A 64 -20.21 -4.12 22.60
CA LEU A 64 -19.50 -3.87 23.85
C LEU A 64 -18.18 -3.19 23.59
N SER A 65 -17.94 -2.76 22.35
CA SER A 65 -16.64 -2.24 21.95
C SER A 65 -16.28 -0.99 22.73
N ASP A 66 -15.00 -0.89 23.10
CA ASP A 66 -14.41 0.34 23.64
C ASP A 66 -14.97 0.68 25.02
N LEU A 67 -15.88 -0.15 25.52
CA LEU A 67 -16.40 0.02 26.87
C LEU A 67 -15.54 -0.68 27.92
N ASN A 68 -14.60 -1.52 27.48
CA ASN A 68 -13.60 -2.13 28.37
C ASN A 68 -14.26 -2.88 29.52
N LEU A 69 -15.18 -3.78 29.20
CA LEU A 69 -15.76 -4.66 30.21
C LEU A 69 -14.81 -5.82 30.39
N THR A 70 -14.17 -5.89 31.57
CA THR A 70 -13.15 -6.91 31.81
C THR A 70 -13.73 -8.31 31.75
N SER A 71 -14.91 -8.51 32.34
CA SER A 71 -15.57 -9.80 32.34
C SER A 71 -16.98 -9.66 31.79
N LEU A 72 -17.26 -10.40 30.73
CA LEU A 72 -18.61 -10.43 30.15
C LEU A 72 -19.43 -11.46 30.91
N PRO A 73 -20.45 -11.06 31.65
CA PRO A 73 -21.28 -12.03 32.37
C PRO A 73 -22.29 -12.73 31.47
N GLU A 74 -23.17 -13.52 32.09
CA GLU A 74 -24.14 -14.30 31.32
C GLU A 74 -25.00 -13.40 30.45
N LEU A 75 -25.09 -13.77 29.17
CA LEU A 75 -25.79 -13.05 28.12
C LEU A 75 -27.21 -13.59 27.98
N PRO A 76 -28.15 -12.78 27.51
CA PRO A 76 -29.53 -13.28 27.33
C PRO A 76 -29.62 -14.30 26.20
N LYS A 77 -30.68 -15.12 26.27
CA LYS A 77 -30.88 -16.17 25.29
C LYS A 77 -31.12 -15.62 23.88
N HIS A 78 -31.81 -14.48 23.76
CA HIS A 78 -32.26 -13.95 22.43
C HIS A 78 -31.14 -13.27 21.61
N ILE A 79 -29.89 -13.37 22.03
CA ILE A 79 -28.78 -12.71 21.36
C ILE A 79 -28.83 -12.99 19.86
N SER A 80 -28.40 -12.02 19.06
CA SER A 80 -28.34 -12.19 17.61
C SER A 80 -26.92 -12.19 17.08
N ALA A 81 -26.19 -11.10 17.26
CA ALA A 81 -24.81 -11.01 16.81
C ALA A 81 -24.00 -10.35 17.91
N LEU A 82 -22.83 -10.91 18.20
CA LEU A 82 -22.00 -10.41 19.28
C LEU A 82 -20.83 -9.66 18.67
N ILE A 83 -20.56 -8.46 19.19
CA ILE A 83 -19.45 -7.62 18.74
C ILE A 83 -18.82 -6.97 19.97
N VAL A 84 -17.66 -7.48 20.40
CA VAL A 84 -17.04 -7.07 21.67
C VAL A 84 -15.57 -6.71 21.57
N GLU A 85 -15.13 -6.13 20.45
CA GLU A 85 -13.70 -5.90 20.25
C GLU A 85 -13.06 -5.18 21.43
N ASN A 86 -11.81 -5.55 21.72
CA ASN A 86 -10.93 -4.80 22.61
C ASN A 86 -11.59 -4.50 23.96
N ASN A 87 -12.01 -5.57 24.64
CA ASN A 87 -12.75 -5.43 25.88
C ASN A 87 -12.06 -6.05 27.07
N LYS A 88 -11.64 -7.31 26.97
CA LYS A 88 -11.41 -8.15 28.14
C LYS A 88 -9.95 -8.55 28.25
N LEU A 89 -9.69 -9.38 29.27
CA LEU A 89 -8.57 -10.32 29.30
C LEU A 89 -9.01 -11.68 29.84
N THR A 90 -10.22 -11.79 30.36
CA THR A 90 -10.72 -13.00 31.00
C THR A 90 -11.64 -13.76 30.03
N SER A 91 -11.73 -15.07 30.24
CA SER A 91 -12.47 -15.96 29.36
C SER A 91 -13.93 -15.55 29.23
N LEU A 92 -14.51 -15.88 28.07
CA LEU A 92 -15.94 -15.73 27.82
C LEU A 92 -16.74 -16.85 28.48
N PRO A 93 -18.05 -16.67 28.71
CA PRO A 93 -18.87 -17.77 29.20
C PRO A 93 -19.50 -18.41 27.96
N LYS A 94 -20.49 -19.27 28.16
CA LYS A 94 -21.20 -19.93 27.07
C LYS A 94 -21.81 -18.85 26.18
N LEU A 95 -21.74 -19.05 24.86
CA LEU A 95 -22.41 -18.19 23.89
C LEU A 95 -23.35 -19.26 23.39
N PRO A 96 -24.64 -19.32 23.83
CA PRO A 96 -25.47 -20.51 23.57
C PRO A 96 -26.25 -20.73 22.28
N ALA A 97 -26.71 -19.67 21.65
CA ALA A 97 -27.61 -19.83 20.49
C ALA A 97 -27.47 -18.38 20.04
N PHE A 98 -26.78 -18.16 18.93
CA PHE A 98 -26.44 -16.81 18.46
C PHE A 98 -27.21 -16.65 17.17
N LEU A 99 -26.79 -15.70 16.34
CA LEU A 99 -27.37 -15.77 15.00
C LEU A 99 -26.39 -15.61 13.84
N LYS A 100 -25.58 -14.55 13.82
CA LYS A 100 -24.78 -14.34 12.58
C LYS A 100 -23.31 -14.04 12.83
N GLU A 101 -22.99 -12.92 13.48
CA GLU A 101 -21.56 -12.53 13.55
C GLU A 101 -20.97 -12.58 14.96
N LEU A 102 -20.01 -13.49 15.19
CA LEU A 102 -19.28 -13.45 16.44
C LEU A 102 -17.97 -12.71 16.20
N ASN A 103 -17.86 -11.49 16.73
CA ASN A 103 -16.78 -10.56 16.41
C ASN A 103 -16.09 -10.21 17.73
N ALA A 104 -15.09 -11.00 18.12
CA ALA A 104 -14.54 -10.95 19.47
C ALA A 104 -13.07 -10.53 19.50
N ASP A 105 -12.74 -9.45 18.80
CA ASP A 105 -11.35 -9.08 18.56
C ASP A 105 -10.61 -8.66 19.84
N ASN A 106 -9.35 -9.09 19.94
CA ASN A 106 -8.37 -8.51 20.87
C ASN A 106 -8.82 -8.62 22.32
N ASN A 107 -9.48 -9.72 22.66
CA ASN A 107 -10.13 -9.86 23.97
C ASN A 107 -9.34 -10.73 24.93
N ARG A 108 -9.13 -11.99 24.58
CA ARG A 108 -8.46 -12.86 25.58
C ARG A 108 -7.70 -14.00 24.92
N LEU A 109 -7.36 -15.01 25.72
CA LEU A 109 -6.59 -16.15 25.25
C LEU A 109 -7.33 -17.46 25.42
N SER A 110 -8.56 -17.43 25.92
CA SER A 110 -9.28 -18.65 26.25
C SER A 110 -9.83 -19.32 25.01
N VAL A 111 -10.43 -20.48 25.22
CA VAL A 111 -10.98 -21.27 24.13
C VAL A 111 -12.29 -20.66 23.65
N ILE A 112 -12.62 -20.90 22.40
CA ILE A 112 -13.90 -20.46 21.84
C ILE A 112 -14.99 -21.45 22.24
N PRO A 113 -16.13 -21.00 22.75
CA PRO A 113 -17.24 -21.93 23.00
C PRO A 113 -17.75 -22.51 21.70
N GLU A 114 -18.38 -23.68 21.81
CA GLU A 114 -18.83 -24.41 20.63
C GLU A 114 -19.76 -23.55 19.79
N LEU A 115 -19.52 -23.54 18.48
CA LEU A 115 -20.36 -22.68 17.67
C LEU A 115 -21.69 -23.37 17.35
N PRO A 116 -22.79 -22.63 17.42
CA PRO A 116 -24.09 -23.21 17.11
C PRO A 116 -24.37 -23.19 15.62
N GLU A 117 -25.46 -23.87 15.24
CA GLU A 117 -25.86 -23.93 13.83
C GLU A 117 -26.11 -22.56 13.23
N SER A 118 -26.46 -21.57 14.06
CA SER A 118 -26.69 -20.23 13.57
C SER A 118 -25.41 -19.51 13.18
N LEU A 119 -24.30 -19.76 13.86
CA LEU A 119 -23.07 -19.04 13.59
C LEU A 119 -22.55 -19.35 12.19
N THR A 120 -22.39 -18.30 11.37
CA THR A 120 -21.80 -18.41 10.05
C THR A 120 -20.57 -17.56 9.86
N THR A 121 -20.32 -16.57 10.72
CA THR A 121 -19.15 -15.70 10.61
C THR A 121 -18.50 -15.60 11.98
N LEU A 122 -17.24 -16.00 12.07
CA LEU A 122 -16.47 -15.91 13.31
C LEU A 122 -15.18 -15.15 13.05
N SER A 123 -15.06 -13.98 13.66
CA SER A 123 -13.85 -13.17 13.57
C SER A 123 -13.30 -13.02 14.98
N VAL A 124 -12.31 -13.85 15.31
CA VAL A 124 -11.65 -13.81 16.61
C VAL A 124 -10.26 -13.24 16.39
N ARG A 125 -10.14 -12.36 15.40
CA ARG A 125 -8.86 -11.75 15.05
C ARG A 125 -8.20 -11.13 16.27
N SER A 126 -6.86 -11.11 16.24
CA SER A 126 -6.04 -10.45 17.25
C SER A 126 -6.26 -11.00 18.66
N ASN A 127 -6.80 -12.21 18.78
CA ASN A 127 -6.97 -12.84 20.07
C ASN A 127 -5.73 -13.66 20.41
N GLN A 128 -5.78 -14.39 21.53
CA GLN A 128 -4.62 -15.14 21.99
C GLN A 128 -4.98 -16.59 22.29
N LEU A 129 -6.01 -17.10 21.62
CA LEU A 129 -6.38 -18.53 21.78
C LEU A 129 -5.25 -19.38 21.18
N GLU A 130 -4.63 -20.23 22.00
CA GLU A 130 -3.56 -21.10 21.52
C GLU A 130 -4.05 -22.43 21.00
N ASN A 131 -5.33 -22.74 21.18
CA ASN A 131 -5.90 -24.00 20.72
C ASN A 131 -7.30 -23.74 20.18
N LEU A 132 -7.39 -23.57 18.87
CA LEU A 132 -8.68 -23.37 18.24
C LEU A 132 -9.50 -24.65 18.35
N PRO A 133 -10.67 -24.62 18.97
CA PRO A 133 -11.45 -25.86 19.15
C PRO A 133 -12.14 -26.29 17.87
N VAL A 134 -12.95 -27.35 17.97
CA VAL A 134 -13.70 -27.80 16.80
C VAL A 134 -14.65 -26.71 16.34
N LEU A 135 -14.69 -26.48 15.04
CA LEU A 135 -15.56 -25.48 14.41
C LEU A 135 -16.55 -26.22 13.51
N PRO A 136 -17.59 -26.81 14.08
CA PRO A 136 -18.53 -27.60 13.28
C PRO A 136 -19.49 -26.72 12.49
N ASN A 137 -20.47 -27.37 11.84
CA ASN A 137 -21.52 -26.71 11.08
C ASN A 137 -20.95 -25.96 9.88
N HIS A 138 -21.81 -25.44 9.01
CA HIS A 138 -21.40 -24.74 7.80
C HIS A 138 -21.02 -23.30 8.15
N LEU A 139 -19.90 -23.18 8.84
CA LEU A 139 -19.29 -21.87 9.11
C LEU A 139 -18.73 -21.32 7.81
N THR A 140 -19.08 -20.08 7.46
CA THR A 140 -18.68 -19.53 6.18
C THR A 140 -17.44 -18.63 6.29
N SER A 141 -17.52 -17.58 7.11
CA SER A 141 -16.50 -16.54 7.14
C SER A 141 -15.65 -16.65 8.39
N LEU A 142 -14.43 -17.17 8.24
CA LEU A 142 -13.49 -17.32 9.34
C LEU A 142 -12.40 -16.26 9.27
N PHE A 143 -12.10 -15.65 10.43
CA PHE A 143 -11.00 -14.70 10.53
C PHE A 143 -10.34 -14.92 11.88
N VAL A 144 -9.27 -15.71 11.90
CA VAL A 144 -8.60 -16.07 13.15
C VAL A 144 -7.18 -15.52 13.13
N GLU A 145 -6.99 -14.37 12.48
CA GLU A 145 -5.65 -13.84 12.34
C GLU A 145 -5.10 -13.35 13.68
N ASN A 146 -3.77 -13.31 13.76
CA ASN A 146 -3.04 -12.87 14.95
C ASN A 146 -3.40 -13.73 16.16
N ASN A 147 -3.04 -15.00 16.07
CA ASN A 147 -3.22 -15.97 17.14
C ASN A 147 -1.99 -16.85 17.25
N ARG A 148 -1.96 -17.67 18.29
CA ARG A 148 -0.87 -18.62 18.55
C ARG A 148 -1.33 -20.06 18.33
N LEU A 149 -2.14 -20.28 17.31
CA LEU A 149 -2.65 -21.62 17.03
C LEU A 149 -1.52 -22.53 16.57
N TYR A 150 -1.11 -23.45 17.44
CA TYR A 150 -0.15 -24.47 17.08
C TYR A 150 -0.78 -25.62 16.29
N ASN A 151 -2.11 -25.62 16.17
CA ASN A 151 -2.80 -26.68 15.45
C ASN A 151 -4.11 -26.11 14.91
N LEU A 152 -4.70 -26.84 13.98
CA LEU A 152 -5.95 -26.42 13.35
C LEU A 152 -6.74 -27.65 12.91
N PRO A 153 -7.90 -27.90 13.49
CA PRO A 153 -8.70 -29.06 13.08
C PRO A 153 -9.38 -28.85 11.75
N ALA A 154 -10.21 -29.81 11.34
CA ALA A 154 -10.86 -29.75 10.04
C ALA A 154 -11.72 -28.50 9.90
N LEU A 155 -11.63 -27.86 8.75
CA LEU A 155 -12.39 -26.67 8.41
C LEU A 155 -13.68 -27.04 7.70
N PRO A 156 -14.74 -26.26 7.89
CA PRO A 156 -16.01 -26.56 7.23
C PRO A 156 -15.92 -26.42 5.72
N GLU A 157 -16.77 -27.19 5.04
CA GLU A 157 -16.78 -27.16 3.57
C GLU A 157 -17.24 -25.81 3.05
N LYS A 158 -18.16 -25.16 3.75
CA LYS A 158 -18.68 -23.88 3.28
C LYS A 158 -17.77 -22.71 3.63
N LEU A 159 -16.61 -22.98 4.22
CA LEU A 159 -15.61 -21.94 4.43
C LEU A 159 -15.21 -21.33 3.10
N LYS A 160 -15.28 -20.00 3.00
CA LYS A 160 -15.12 -19.32 1.74
C LYS A 160 -14.14 -18.14 1.78
N PHE A 161 -13.89 -17.57 2.94
CA PHE A 161 -12.94 -16.44 3.07
C PHE A 161 -12.11 -16.70 4.31
N LEU A 162 -10.93 -17.29 4.15
CA LEU A 162 -10.14 -17.73 5.29
C LEU A 162 -9.06 -16.69 5.59
N HIS A 163 -8.70 -16.60 6.87
CA HIS A 163 -7.64 -15.67 7.28
C HIS A 163 -6.97 -16.29 8.51
N VAL A 164 -5.88 -17.03 8.28
CA VAL A 164 -5.11 -17.61 9.37
C VAL A 164 -3.83 -16.79 9.44
N TYR A 165 -3.97 -15.55 8.97
CA TYR A 165 -2.80 -14.64 8.90
C TYR A 165 -2.11 -14.49 10.24
N TYR A 166 -0.77 -14.48 10.20
CA TYR A 166 0.01 -14.21 11.40
C TYR A 166 -0.37 -15.16 12.53
N ASN A 167 -0.16 -16.44 12.26
CA ASN A 167 -0.41 -17.50 13.22
C ASN A 167 0.81 -18.41 13.29
N ARG A 168 0.93 -19.12 14.41
CA ARG A 168 2.09 -19.98 14.65
C ARG A 168 1.90 -21.41 14.17
N LEU A 169 0.85 -21.69 13.41
CA LEU A 169 0.64 -23.05 12.92
C LEU A 169 1.75 -23.45 11.97
N THR A 170 2.23 -24.69 12.12
CA THR A 170 3.30 -25.22 11.30
C THR A 170 2.90 -26.45 10.50
N THR A 171 1.71 -26.99 10.71
CA THR A 171 1.25 -28.23 10.09
C THR A 171 -0.12 -28.02 9.46
N LEU A 172 -0.24 -26.95 8.67
CA LEU A 172 -1.49 -26.53 8.03
C LEU A 172 -2.21 -27.70 7.37
N PRO A 173 -3.41 -28.04 7.84
CA PRO A 173 -4.16 -29.15 7.23
C PRO A 173 -4.80 -28.77 5.91
N ASP A 174 -5.68 -29.66 5.45
CA ASP A 174 -6.31 -29.45 4.13
C ASP A 174 -7.13 -28.17 4.06
N LEU A 175 -7.60 -27.85 2.87
CA LEU A 175 -8.37 -26.64 2.57
C LEU A 175 -9.74 -27.01 2.01
N PRO A 176 -10.74 -26.14 2.16
CA PRO A 176 -12.08 -26.46 1.63
C PRO A 176 -12.12 -26.30 0.12
N ASP A 177 -13.32 -26.53 -0.43
CA ASP A 177 -13.48 -26.57 -1.88
C ASP A 177 -14.12 -25.29 -2.42
N LYS A 178 -14.24 -24.26 -1.59
CA LYS A 178 -14.72 -22.96 -2.06
C LYS A 178 -13.93 -21.79 -1.47
N LEU A 179 -12.75 -22.10 -0.93
CA LEU A 179 -11.87 -21.04 -0.38
C LEU A 179 -11.38 -20.17 -1.53
N GLU A 180 -11.47 -18.84 -1.38
CA GLU A 180 -11.04 -17.90 -2.39
C GLU A 180 -9.83 -17.08 -1.96
N ILE A 181 -9.94 -16.41 -0.81
CA ILE A 181 -8.89 -15.59 -0.25
C ILE A 181 -8.43 -16.25 1.04
N LEU A 182 -7.21 -16.81 0.98
CA LEU A 182 -6.59 -17.43 2.19
C LEU A 182 -5.29 -16.69 2.48
N CYS A 183 -5.25 -15.91 3.57
CA CYS A 183 -4.04 -15.23 4.00
C CYS A 183 -3.47 -15.98 5.18
N ALA A 184 -2.31 -16.62 4.99
CA ALA A 184 -1.65 -17.34 6.06
C ALA A 184 -0.17 -17.03 6.08
N GLN A 185 0.17 -15.76 5.89
CA GLN A 185 1.58 -15.38 5.84
C GLN A 185 2.15 -15.22 7.25
N ARG A 186 3.49 -15.29 7.31
CA ARG A 186 4.24 -15.23 8.57
C ARG A 186 3.77 -16.28 9.56
N ASN A 187 3.71 -17.52 9.08
CA ASN A 187 3.49 -18.69 9.92
C ASN A 187 4.75 -19.56 9.93
N ASN A 188 4.75 -20.55 10.82
CA ASN A 188 5.82 -21.54 10.88
C ASN A 188 5.57 -22.70 9.92
N LEU A 189 4.79 -22.48 8.86
CA LEU A 189 4.55 -23.51 7.87
C LEU A 189 5.86 -24.01 7.29
N VAL A 190 6.17 -25.28 7.55
CA VAL A 190 7.38 -25.90 7.02
C VAL A 190 7.13 -26.60 5.69
N THR A 191 5.93 -27.08 5.41
CA THR A 191 5.61 -27.79 4.17
C THR A 191 4.38 -27.19 3.52
N PHE A 192 4.48 -26.86 2.23
CA PHE A 192 3.26 -26.63 1.45
C PHE A 192 2.34 -27.83 1.58
N PRO A 193 1.15 -27.66 2.15
CA PRO A 193 0.31 -28.82 2.48
C PRO A 193 -0.16 -29.56 1.24
N GLN A 194 -0.89 -30.64 1.49
CA GLN A 194 -1.50 -31.43 0.42
C GLN A 194 -2.64 -30.61 -0.16
N PHE A 195 -2.29 -29.70 -1.07
CA PHE A 195 -3.18 -28.63 -1.50
C PHE A 195 -4.49 -29.15 -2.07
N SER A 196 -5.59 -28.55 -1.66
CA SER A 196 -6.88 -28.77 -2.28
C SER A 196 -6.99 -27.89 -3.51
N ASP A 197 -6.35 -28.30 -4.61
CA ASP A 197 -6.49 -27.59 -5.87
C ASP A 197 -7.69 -28.15 -6.64
N ARG A 198 -8.64 -28.71 -5.89
CA ARG A 198 -9.99 -28.96 -6.37
C ARG A 198 -10.84 -27.70 -6.36
N ASN A 199 -10.20 -26.54 -6.21
CA ASN A 199 -10.85 -25.24 -6.16
C ASN A 199 -10.49 -24.46 -7.40
N ASN A 200 -11.46 -23.71 -7.91
CA ASN A 200 -11.36 -23.05 -9.22
C ASN A 200 -11.81 -21.61 -9.13
N ILE A 201 -11.30 -20.88 -8.12
CA ILE A 201 -11.74 -19.52 -7.91
C ILE A 201 -11.02 -18.57 -8.87
N ARG A 202 -11.71 -17.50 -9.26
CA ARG A 202 -11.24 -16.58 -10.30
C ARG A 202 -9.77 -16.23 -10.15
N GLN A 203 -9.36 -15.75 -8.97
CA GLN A 203 -7.95 -15.57 -8.69
C GLN A 203 -7.71 -15.94 -7.24
N LYS A 204 -7.05 -17.07 -7.03
CA LYS A 204 -6.80 -17.61 -5.70
C LYS A 204 -5.85 -16.70 -4.96
N GLU A 205 -6.37 -15.98 -3.96
CA GLU A 205 -5.55 -15.08 -3.16
C GLU A 205 -4.94 -15.90 -2.03
N TYR A 206 -4.00 -16.76 -2.38
CA TYR A 206 -3.34 -17.65 -1.43
C TYR A 206 -1.99 -17.09 -1.01
N TYR A 207 -2.02 -16.26 0.02
CA TYR A 207 -0.84 -15.56 0.50
C TYR A 207 -0.13 -16.41 1.53
N PHE A 208 0.95 -17.10 1.10
CA PHE A 208 1.74 -17.92 2.01
C PHE A 208 3.15 -17.35 2.24
N HIS A 209 3.37 -16.05 2.02
CA HIS A 209 4.72 -15.52 2.03
C HIS A 209 5.32 -15.55 3.44
N PHE A 210 6.66 -15.64 3.52
CA PHE A 210 7.35 -15.74 4.83
C PHE A 210 7.05 -17.06 5.55
N ASN A 211 7.16 -18.20 4.86
CA ASN A 211 7.02 -19.48 5.54
C ASN A 211 8.38 -20.19 5.55
N GLN A 212 8.38 -21.42 6.05
CA GLN A 212 9.59 -22.23 6.19
C GLN A 212 9.69 -23.31 5.12
N ILE A 213 9.38 -22.97 3.88
CA ILE A 213 9.21 -23.96 2.83
C ILE A 213 10.50 -24.12 2.03
N THR A 214 10.88 -25.38 1.80
CA THR A 214 11.96 -25.71 0.87
C THR A 214 11.47 -26.73 -0.14
N THR A 215 10.59 -27.63 0.29
CA THR A 215 10.07 -28.70 -0.54
C THR A 215 8.76 -28.29 -1.18
N LEU A 216 8.72 -28.40 -2.51
CA LEU A 216 7.53 -28.08 -3.29
C LEU A 216 6.94 -29.35 -3.87
N PRO A 217 5.69 -29.65 -3.53
CA PRO A 217 5.04 -30.83 -4.10
C PRO A 217 5.01 -30.76 -5.62
N GLU A 218 5.16 -31.92 -6.24
CA GLU A 218 5.37 -31.99 -7.69
C GLU A 218 4.22 -31.38 -8.49
N SER A 219 3.09 -31.07 -7.85
CA SER A 219 1.91 -30.61 -8.55
C SER A 219 1.84 -29.12 -8.90
N PHE A 220 2.98 -28.41 -8.90
CA PHE A 220 2.94 -27.01 -9.31
C PHE A 220 2.70 -26.86 -10.81
N SER A 221 2.97 -27.90 -11.59
CA SER A 221 2.54 -27.91 -12.97
C SER A 221 1.07 -28.20 -13.12
N GLN A 222 0.38 -28.51 -12.03
CA GLN A 222 -1.01 -28.99 -12.07
C GLN A 222 -2.02 -27.93 -11.67
N LEU A 223 -1.63 -26.88 -10.95
CA LEU A 223 -2.57 -25.82 -10.64
C LEU A 223 -2.76 -24.90 -11.84
N ASP A 224 -3.91 -24.24 -11.88
CA ASP A 224 -4.27 -23.39 -13.01
C ASP A 224 -3.60 -22.03 -12.87
N SER A 225 -3.58 -21.27 -13.96
CA SER A 225 -3.04 -19.92 -13.94
C SER A 225 -3.90 -18.96 -13.13
N SER A 226 -5.11 -19.38 -12.75
CA SER A 226 -6.01 -18.53 -11.95
C SER A 226 -5.63 -18.61 -10.47
N TYR A 227 -4.34 -18.38 -10.21
CA TYR A 227 -3.76 -18.52 -8.88
C TYR A 227 -2.67 -17.48 -8.71
N ARG A 228 -2.65 -16.84 -7.55
CA ARG A 228 -1.45 -16.19 -7.05
C ARG A 228 -1.15 -16.74 -5.66
N ILE A 229 -0.21 -17.68 -5.59
CA ILE A 229 0.37 -18.10 -4.33
C ILE A 229 1.68 -17.34 -4.18
N ASN A 230 1.67 -16.33 -3.32
CA ASN A 230 2.86 -15.57 -3.02
C ASN A 230 3.73 -16.41 -2.10
N ILE A 231 4.61 -17.20 -2.70
CA ILE A 231 5.39 -18.18 -1.96
C ILE A 231 6.71 -17.57 -1.50
N SER A 232 6.75 -16.23 -1.56
CA SER A 232 7.99 -15.52 -1.18
C SER A 232 8.37 -15.77 0.27
N GLY A 233 9.60 -15.41 0.65
CA GLY A 233 10.08 -15.59 1.99
C GLY A 233 10.51 -16.99 2.34
N ASN A 234 9.99 -18.01 1.66
CA ASN A 234 10.35 -19.38 1.96
C ASN A 234 11.75 -19.70 1.45
N PRO A 235 12.53 -20.47 2.21
CA PRO A 235 13.89 -20.87 1.78
C PRO A 235 13.87 -22.04 0.80
N LEU A 236 13.48 -21.76 -0.43
CA LEU A 236 13.46 -22.80 -1.46
C LEU A 236 14.87 -23.27 -1.78
N SER A 237 14.97 -24.53 -2.21
CA SER A 237 16.24 -25.04 -2.69
C SER A 237 16.55 -24.48 -4.07
N THR A 238 17.84 -24.46 -4.41
CA THR A 238 18.27 -23.88 -5.67
C THR A 238 17.69 -24.64 -6.86
N ARG A 239 17.53 -25.95 -6.72
CA ARG A 239 17.04 -26.76 -7.85
C ARG A 239 15.58 -26.45 -8.16
N VAL A 240 14.72 -26.45 -7.14
CA VAL A 240 13.32 -26.12 -7.38
C VAL A 240 13.19 -24.67 -7.81
N LEU A 241 14.03 -23.79 -7.25
CA LEU A 241 13.99 -22.39 -7.64
C LEU A 241 14.36 -22.21 -9.11
N GLN A 242 15.36 -22.96 -9.58
CA GLN A 242 15.79 -22.82 -10.96
C GLN A 242 14.80 -23.52 -11.91
N SER A 243 14.08 -24.53 -11.43
CA SER A 243 12.97 -25.07 -12.22
C SER A 243 11.86 -24.04 -12.36
N LEU A 244 11.58 -23.32 -11.27
CA LEU A 244 10.61 -22.24 -11.33
C LEU A 244 11.07 -21.15 -12.30
N GLN A 245 12.37 -20.85 -12.29
CA GLN A 245 12.91 -19.94 -13.30
C GLN A 245 12.76 -20.53 -14.70
N ARG A 246 12.91 -21.85 -14.81
CA ARG A 246 12.80 -22.50 -16.11
C ARG A 246 11.40 -22.35 -16.68
N LEU A 247 10.39 -22.31 -15.80
CA LEU A 247 8.99 -22.22 -16.27
C LEU A 247 8.58 -20.75 -16.37
N THR A 248 9.28 -19.86 -15.67
CA THR A 248 8.88 -18.46 -15.67
C THR A 248 9.62 -17.63 -16.73
N SER A 249 10.95 -17.73 -16.79
CA SER A 249 11.69 -17.09 -17.88
C SER A 249 11.27 -17.62 -19.24
N SER A 250 10.79 -18.85 -19.33
CA SER A 250 10.14 -19.33 -20.54
C SER A 250 8.86 -18.54 -20.75
N PRO A 251 8.59 -18.07 -21.97
CA PRO A 251 7.43 -17.18 -22.17
C PRO A 251 6.09 -17.87 -22.01
N ASP A 252 6.07 -19.18 -21.79
CA ASP A 252 4.83 -19.95 -21.72
C ASP A 252 4.40 -20.25 -20.29
N TYR A 253 4.61 -19.33 -19.35
CA TYR A 253 4.19 -19.57 -17.98
C TYR A 253 2.67 -19.58 -17.91
N HIS A 254 2.08 -20.78 -17.84
CA HIS A 254 0.64 -20.89 -17.77
C HIS A 254 0.21 -21.70 -16.55
N GLY A 255 1.13 -21.91 -15.62
CA GLY A 255 0.79 -22.43 -14.32
C GLY A 255 0.37 -21.28 -13.42
N PRO A 256 0.29 -21.53 -12.11
CA PRO A 256 -0.10 -20.47 -11.19
C PRO A 256 0.85 -19.28 -11.27
N GLN A 257 0.28 -18.09 -11.19
CA GLN A 257 1.07 -16.85 -11.19
C GLN A 257 1.71 -16.75 -9.81
N ILE A 258 2.74 -17.57 -9.59
CA ILE A 258 3.40 -17.69 -8.31
C ILE A 258 4.54 -16.70 -8.24
N TYR A 259 4.42 -15.71 -7.37
CA TYR A 259 5.48 -14.74 -7.10
C TYR A 259 6.43 -15.43 -6.12
N PHE A 260 7.61 -15.76 -6.63
CA PHE A 260 8.64 -16.38 -5.78
C PHE A 260 9.49 -15.26 -5.16
N SER A 261 10.22 -15.59 -4.11
CA SER A 261 11.02 -14.60 -3.40
C SER A 261 12.27 -14.27 -4.19
N MET A 262 12.16 -13.24 -5.04
CA MET A 262 13.34 -12.74 -5.79
C MET A 262 14.13 -11.85 -4.83
N SER A 263 14.55 -12.39 -3.69
CA SER A 263 15.27 -11.60 -2.65
C SER A 263 14.39 -10.45 -2.18
N ASP A 264 13.09 -10.71 -1.98
CA ASP A 264 12.17 -9.67 -1.54
C ASP A 264 12.07 -9.60 -0.02
N SER B 3 8.86 10.90 3.39
CA SER B 3 7.59 10.96 4.13
C SER B 3 7.22 9.59 4.66
N VAL B 4 6.53 9.55 5.81
CA VAL B 4 6.22 8.23 6.43
C VAL B 4 5.16 7.48 5.62
N PHE B 5 4.32 8.27 4.94
CA PHE B 5 3.35 7.69 3.99
C PHE B 5 4.21 6.77 3.13
N GLU B 6 5.16 7.36 2.38
CA GLU B 6 6.05 6.43 1.68
C GLU B 6 6.50 5.30 2.60
N GLU B 7 6.99 5.65 3.79
CA GLU B 7 7.62 4.65 4.66
C GLU B 7 6.63 3.57 5.08
N ILE B 8 5.58 3.98 5.78
CA ILE B 8 4.62 3.03 6.34
C ILE B 8 3.88 2.29 5.24
N THR B 9 3.68 2.91 4.07
CA THR B 9 2.99 2.18 3.01
C THR B 9 3.92 1.17 2.33
N ARG B 10 5.21 1.50 2.18
CA ARG B 10 6.19 0.49 1.86
C ARG B 10 6.15 -0.67 2.85
N ILE B 11 6.06 -0.34 4.15
CA ILE B 11 6.06 -1.37 5.17
C ILE B 11 4.83 -2.27 5.04
N VAL B 12 3.66 -1.66 4.82
CA VAL B 12 2.45 -2.47 4.71
C VAL B 12 2.50 -3.32 3.45
N VAL B 13 3.06 -2.79 2.36
CA VAL B 13 3.27 -3.61 1.17
C VAL B 13 4.10 -4.83 1.52
N LYS B 14 5.24 -4.59 2.17
CA LYS B 14 6.17 -5.68 2.45
C LYS B 14 5.55 -6.73 3.36
N GLU B 15 4.80 -6.30 4.39
CA GLU B 15 4.29 -7.29 5.32
C GLU B 15 3.05 -7.99 4.75
N MET B 16 2.09 -7.21 4.27
CA MET B 16 0.81 -7.80 3.77
C MET B 16 1.03 -8.65 2.51
N ASP B 17 1.74 -8.13 1.50
CA ASP B 17 2.04 -8.90 0.30
C ASP B 17 3.28 -8.27 -0.33
N ALA B 18 4.44 -8.84 -0.02
CA ALA B 18 5.71 -8.23 -0.36
C ALA B 18 5.87 -8.11 -1.87
N GLY B 19 6.00 -6.87 -2.35
CA GLY B 19 6.42 -6.59 -3.71
C GLY B 19 5.52 -7.09 -4.82
N GLY B 20 4.22 -7.19 -4.57
CA GLY B 20 3.31 -7.62 -5.62
C GLY B 20 2.90 -6.49 -6.54
N ASP B 21 1.61 -6.40 -6.87
CA ASP B 21 1.13 -5.32 -7.71
C ASP B 21 0.55 -4.23 -6.83
N MET B 22 0.58 -4.43 -5.51
CA MET B 22 0.08 -3.47 -4.54
C MET B 22 1.24 -2.54 -4.18
N ILE B 23 1.20 -1.33 -4.72
CA ILE B 23 2.30 -0.36 -4.61
C ILE B 23 1.88 0.74 -3.64
N ALA B 24 2.85 1.25 -2.88
CA ALA B 24 2.63 2.25 -1.85
C ALA B 24 2.19 3.58 -2.45
N VAL B 25 1.66 4.46 -1.60
CA VAL B 25 1.40 5.86 -1.95
C VAL B 25 2.51 6.70 -1.35
N ARG B 26 3.18 7.50 -2.18
CA ARG B 26 4.27 8.35 -1.73
C ARG B 26 3.89 9.80 -1.52
N SER B 27 2.80 10.25 -2.19
CA SER B 27 2.33 11.65 -2.07
C SER B 27 1.79 11.75 -0.65
N LEU B 28 2.46 12.51 0.22
CA LEU B 28 2.07 12.60 1.63
C LEU B 28 0.77 13.41 1.67
N VAL B 29 0.82 14.65 1.17
CA VAL B 29 -0.36 15.51 1.22
C VAL B 29 -1.47 14.97 0.31
N ASP B 30 -1.10 14.41 -0.84
CA ASP B 30 -2.08 13.82 -1.75
C ASP B 30 -2.34 12.36 -1.38
N ALA B 31 -3.06 12.19 -0.26
CA ALA B 31 -3.27 10.86 0.28
C ALA B 31 -4.44 10.15 -0.41
N ASP B 32 -5.65 10.69 -0.29
CA ASP B 32 -6.83 10.05 -0.83
C ASP B 32 -7.32 10.70 -2.11
N ARG B 33 -6.48 11.51 -2.76
CA ARG B 33 -6.88 12.08 -4.07
C ARG B 33 -7.20 10.91 -5.00
N PHE B 34 -6.37 9.86 -4.95
CA PHE B 34 -6.60 8.66 -5.75
C PHE B 34 -6.84 7.47 -4.82
N ARG B 35 -7.81 6.65 -5.19
CA ARG B 35 -8.26 5.51 -4.41
C ARG B 35 -8.95 4.55 -5.37
N CYS B 36 -9.74 3.63 -4.83
CA CYS B 36 -10.56 2.79 -5.69
C CYS B 36 -11.41 3.65 -6.61
N PHE B 37 -11.50 3.24 -7.87
CA PHE B 37 -12.17 3.98 -8.94
C PHE B 37 -11.51 5.32 -9.23
N HIS B 38 -10.20 5.44 -9.02
CA HIS B 38 -9.46 6.63 -9.39
C HIS B 38 -8.29 6.22 -10.28
N LEU B 39 -8.51 6.16 -11.60
CA LEU B 39 -7.47 5.73 -12.53
C LEU B 39 -6.54 6.91 -12.76
N VAL B 40 -5.50 7.00 -11.94
CA VAL B 40 -4.30 7.77 -12.28
C VAL B 40 -3.20 6.77 -12.59
N GLY B 41 -2.32 7.15 -13.50
CA GLY B 41 -1.25 6.26 -13.89
C GLY B 41 -0.93 6.24 -15.37
N GLU B 42 0.36 6.18 -15.68
CA GLU B 42 0.83 5.97 -17.04
C GLU B 42 2.34 5.70 -16.96
N LYS B 43 2.80 4.80 -17.81
CA LYS B 43 4.24 4.64 -18.03
C LYS B 43 4.58 5.54 -19.21
N ARG B 44 4.08 6.77 -19.14
CA ARG B 44 4.24 7.75 -20.22
C ARG B 44 5.62 8.37 -20.17
N THR B 45 6.61 7.53 -20.50
CA THR B 45 8.02 7.92 -20.47
C THR B 45 8.43 8.41 -19.09
N PHE B 46 7.86 7.78 -18.06
CA PHE B 46 8.25 8.07 -16.68
C PHE B 46 9.52 7.29 -16.35
N PHE B 47 9.92 7.28 -15.08
CA PHE B 47 11.11 6.56 -14.66
C PHE B 47 10.79 5.16 -14.16
N GLY B 48 9.71 4.56 -14.65
CA GLY B 48 9.32 3.22 -14.25
C GLY B 48 8.29 3.19 -13.15
N CYS B 49 8.61 3.78 -11.99
CA CYS B 49 7.72 3.78 -10.83
C CYS B 49 7.20 5.19 -10.63
N ARG B 50 6.09 5.49 -11.31
CA ARG B 50 5.47 6.81 -11.26
C ARG B 50 3.98 6.68 -11.54
N HIS B 51 3.17 7.44 -10.82
CA HIS B 51 1.73 7.39 -10.96
C HIS B 51 1.20 8.81 -10.75
N TYR B 52 1.18 9.57 -11.84
CA TYR B 52 0.96 11.01 -11.82
C TYR B 52 -0.39 11.36 -11.22
N THR B 53 -0.38 12.39 -10.38
CA THR B 53 -1.58 12.93 -9.77
C THR B 53 -2.24 13.89 -10.75
N THR B 54 -3.23 13.39 -11.48
CA THR B 54 -3.91 14.20 -12.48
C THR B 54 -5.41 14.16 -12.24
N GLY B 55 -6.10 15.15 -12.80
CA GLY B 55 -7.55 15.15 -12.77
C GLY B 55 -8.20 13.97 -13.45
N LEU B 56 -7.42 13.15 -14.15
CA LEU B 56 -7.95 11.93 -14.73
C LEU B 56 -8.05 10.85 -13.66
N THR B 57 -9.28 10.46 -13.33
CA THR B 57 -9.56 9.31 -12.50
C THR B 57 -10.43 8.35 -13.31
N LEU B 58 -10.91 7.30 -12.66
CA LEU B 58 -11.58 6.24 -13.40
C LEU B 58 -12.87 6.75 -14.05
N MET B 59 -13.64 7.56 -13.33
CA MET B 59 -14.81 8.16 -13.98
C MET B 59 -14.39 9.12 -15.09
N ASP B 60 -13.28 9.84 -14.93
CA ASP B 60 -12.91 10.80 -15.96
C ASP B 60 -12.31 10.13 -17.20
N ILE B 61 -11.99 8.83 -17.14
CA ILE B 61 -11.57 8.13 -18.35
C ILE B 61 -12.71 7.27 -18.91
N LEU B 62 -13.52 6.66 -18.06
CA LEU B 62 -14.53 5.69 -18.49
C LEU B 62 -15.88 6.10 -17.91
N ASP B 63 -16.22 7.37 -18.13
CA ASP B 63 -17.46 7.95 -17.55
C ASP B 63 -18.74 7.51 -18.23
N THR B 64 -19.46 6.59 -17.60
CA THR B 64 -20.79 6.22 -18.09
C THR B 64 -21.73 7.42 -17.96
N ASP B 65 -22.55 7.66 -18.99
CA ASP B 65 -23.41 8.83 -19.05
C ASP B 65 -24.88 8.49 -19.29
N GLY B 66 -25.36 7.32 -18.86
CA GLY B 66 -26.73 6.93 -19.10
C GLY B 66 -27.63 7.07 -17.89
N ASP B 67 -28.91 6.72 -18.03
CA ASP B 67 -29.89 6.84 -16.97
C ASP B 67 -29.67 5.78 -15.88
N LYS B 68 -28.89 4.74 -16.15
CA LYS B 68 -28.64 3.66 -15.19
C LYS B 68 -27.49 4.03 -14.26
N TRP B 69 -27.26 5.33 -14.11
CA TRP B 69 -26.22 5.76 -13.14
C TRP B 69 -26.74 5.62 -11.72
N LEU B 70 -28.05 5.81 -11.48
CA LEU B 70 -28.49 5.80 -10.08
C LEU B 70 -28.16 4.47 -9.40
N ASP B 71 -28.36 3.35 -10.08
CA ASP B 71 -27.90 2.08 -9.52
C ASP B 71 -26.40 1.88 -9.70
N GLU B 72 -25.77 2.62 -10.62
CA GLU B 72 -24.32 2.58 -10.70
C GLU B 72 -23.67 3.23 -9.47
N LEU B 73 -24.40 4.07 -8.74
CA LEU B 73 -23.89 4.53 -7.45
C LEU B 73 -23.59 3.35 -6.52
N ASP B 74 -24.58 2.48 -6.32
CA ASP B 74 -24.35 1.31 -5.48
C ASP B 74 -23.34 0.37 -6.11
N SER B 75 -23.47 0.11 -7.41
CA SER B 75 -22.55 -0.84 -8.04
C SER B 75 -21.12 -0.31 -8.13
N GLY B 76 -20.91 0.99 -7.93
CA GLY B 76 -19.59 1.57 -8.03
C GLY B 76 -18.93 1.86 -6.71
N LEU B 77 -19.70 2.31 -5.72
CA LEU B 77 -19.21 2.41 -4.35
C LEU B 77 -19.51 1.13 -3.55
N GLN B 78 -19.78 0.02 -4.24
CA GLN B 78 -19.83 -1.30 -3.62
C GLN B 78 -18.50 -1.72 -3.04
N GLY B 79 -17.45 -0.90 -3.19
CA GLY B 79 -16.10 -1.22 -2.80
C GLY B 79 -15.96 -1.88 -1.44
N GLN B 80 -15.05 -2.85 -1.36
CA GLN B 80 -14.95 -3.69 -0.18
C GLN B 80 -14.36 -2.92 0.99
N LYS B 81 -14.67 -3.37 2.20
CA LYS B 81 -14.17 -2.75 3.43
C LYS B 81 -13.66 -3.82 4.40
N ALA B 82 -13.11 -4.89 3.81
CA ALA B 82 -12.58 -5.98 4.62
C ALA B 82 -11.42 -5.49 5.47
N GLU B 83 -11.36 -6.00 6.70
CA GLU B 83 -10.49 -5.44 7.73
C GLU B 83 -9.25 -6.30 7.92
N PHE B 84 -8.08 -5.70 7.72
CA PHE B 84 -6.79 -6.33 7.93
C PHE B 84 -6.09 -5.68 9.12
N GLN B 85 -5.27 -6.46 9.80
CA GLN B 85 -4.48 -5.99 10.93
C GLN B 85 -3.01 -6.01 10.56
N ILE B 86 -2.48 -4.87 10.12
CA ILE B 86 -1.05 -4.80 9.84
C ILE B 86 -0.30 -4.57 11.15
N LEU B 87 0.70 -5.45 11.37
CA LEU B 87 1.42 -5.47 12.66
C LEU B 87 2.90 -5.84 12.48
N ASP B 88 3.84 -4.98 12.90
CA ASP B 88 5.24 -5.36 12.95
C ASP B 88 5.86 -4.74 14.20
N ASN B 89 7.18 -4.76 14.26
CA ASN B 89 7.91 -4.05 15.31
C ASN B 89 8.23 -2.65 14.78
N VAL B 90 7.19 -1.85 14.56
CA VAL B 90 7.35 -0.51 14.03
C VAL B 90 8.05 0.39 15.06
N HIS B 115 0.36 -7.40 19.00
CA HIS B 115 0.76 -6.15 19.62
C HIS B 115 -0.05 -5.01 19.04
N GLN B 116 0.64 -4.01 18.51
CA GLN B 116 0.02 -2.93 17.75
C GLN B 116 -0.59 -3.51 16.47
N LYS B 117 -1.72 -2.93 16.06
CA LYS B 117 -2.43 -3.42 14.89
C LYS B 117 -3.12 -2.25 14.18
N ILE B 118 -2.51 -1.76 13.10
CA ILE B 118 -3.14 -0.74 12.28
C ILE B 118 -4.26 -1.41 11.50
N LYS B 119 -5.45 -0.81 11.56
CA LYS B 119 -6.66 -1.41 10.99
C LYS B 119 -6.85 -0.88 9.57
N ILE B 120 -6.54 -1.71 8.58
CA ILE B 120 -6.65 -1.31 7.18
C ILE B 120 -7.89 -1.94 6.59
N SER B 121 -8.40 -1.34 5.52
CA SER B 121 -9.49 -1.91 4.76
C SER B 121 -9.04 -2.18 3.33
N GLU B 122 -9.07 -3.45 2.95
CA GLU B 122 -8.85 -3.85 1.57
C GLU B 122 -10.11 -3.52 0.77
N ASN B 123 -9.91 -2.91 -0.39
CA ASN B 123 -11.01 -2.48 -1.25
C ASN B 123 -10.66 -2.87 -2.68
N ARG B 124 -11.27 -3.96 -3.15
CA ARG B 124 -10.95 -4.59 -4.41
C ARG B 124 -12.19 -4.75 -5.26
N ILE B 125 -12.26 -3.98 -6.36
CA ILE B 125 -13.38 -4.04 -7.28
C ILE B 125 -13.36 -5.39 -7.97
N SER B 126 -14.49 -6.08 -7.90
CA SER B 126 -14.53 -7.52 -8.14
C SER B 126 -14.29 -7.86 -9.61
N GLN B 127 -13.86 -9.10 -9.85
CA GLN B 127 -13.60 -9.57 -11.22
C GLN B 127 -14.84 -9.46 -12.09
N GLN B 128 -16.03 -9.54 -11.51
CA GLN B 128 -17.25 -9.33 -12.31
C GLN B 128 -17.31 -7.92 -12.88
N TYR B 129 -17.03 -6.90 -12.06
CA TYR B 129 -16.93 -5.54 -12.60
C TYR B 129 -15.75 -5.40 -13.54
N LEU B 130 -14.65 -6.13 -13.30
CA LEU B 130 -13.56 -6.11 -14.28
C LEU B 130 -14.04 -6.58 -15.64
N ALA B 131 -14.81 -7.68 -15.65
CA ALA B 131 -15.36 -8.20 -16.90
C ALA B 131 -16.34 -7.23 -17.55
N THR B 132 -17.21 -6.60 -16.74
CA THR B 132 -18.17 -5.65 -17.30
C THR B 132 -17.47 -4.45 -17.93
N LEU B 133 -16.41 -3.95 -17.27
CA LEU B 133 -15.67 -2.84 -17.86
C LEU B 133 -14.96 -3.27 -19.13
N GLU B 134 -14.45 -4.51 -19.17
CA GLU B 134 -13.81 -5.00 -20.39
C GLU B 134 -14.82 -5.12 -21.54
N ASN B 135 -16.01 -5.61 -21.27
CA ASN B 135 -17.02 -5.75 -22.33
C ASN B 135 -17.76 -4.45 -22.61
N ARG B 136 -17.45 -3.42 -21.83
CA ARG B 136 -18.03 -2.09 -22.12
C ARG B 136 -17.09 -1.38 -23.08
N LYS B 137 -17.33 -0.09 -23.30
CA LYS B 137 -16.49 0.70 -24.23
C LYS B 137 -16.26 2.10 -23.66
N LEU B 138 -15.20 2.78 -24.10
CA LEU B 138 -14.87 4.11 -23.62
C LEU B 138 -15.78 5.15 -24.27
N LYS B 139 -15.57 6.41 -23.91
CA LYS B 139 -16.48 7.48 -24.29
C LYS B 139 -15.76 8.51 -25.17
N ARG B 140 -16.49 9.57 -25.54
CA ARG B 140 -16.13 10.44 -26.66
C ARG B 140 -15.57 11.78 -26.26
N GLU B 141 -16.24 12.43 -25.29
CA GLU B 141 -15.77 13.72 -24.74
C GLU B 141 -14.89 13.39 -23.53
N LEU B 142 -13.60 13.33 -23.77
CA LEU B 142 -12.65 13.03 -22.70
C LEU B 142 -12.01 14.38 -22.38
N PRO B 143 -11.19 14.48 -21.33
CA PRO B 143 -10.59 15.75 -20.96
C PRO B 143 -9.26 16.00 -21.67
N PHE B 144 -8.84 17.27 -21.64
CA PHE B 144 -7.58 17.65 -22.25
C PHE B 144 -6.39 17.02 -21.52
N SER B 145 -6.54 16.78 -20.21
CA SER B 145 -5.49 16.09 -19.47
C SER B 145 -5.22 14.71 -20.04
N PHE B 146 -6.28 14.03 -20.52
CA PHE B 146 -6.10 12.71 -21.13
C PHE B 146 -5.16 12.77 -22.31
N ARG B 147 -5.43 13.67 -23.25
CA ARG B 147 -4.57 13.80 -24.44
C ARG B 147 -3.21 14.39 -24.10
N SER B 148 -3.10 15.09 -22.97
CA SER B 148 -1.79 15.60 -22.55
C SER B 148 -0.92 14.50 -21.95
N ILE B 149 -1.52 13.53 -21.26
CA ILE B 149 -0.74 12.57 -20.49
C ILE B 149 -0.62 11.22 -21.20
N ASN B 150 -1.57 10.85 -22.06
CA ASN B 150 -1.60 9.50 -22.61
C ASN B 150 -0.93 9.41 -23.97
N THR B 151 0.11 10.23 -24.19
CA THR B 151 0.82 10.23 -25.47
C THR B 151 1.48 8.88 -25.77
N ARG B 152 2.27 8.35 -24.84
CA ARG B 152 2.91 7.05 -25.02
C ARG B 152 2.75 6.23 -23.74
N GLU B 153 1.52 6.17 -23.24
CA GLU B 153 1.22 5.70 -21.89
C GLU B 153 0.87 4.21 -21.90
N ASN B 154 1.76 3.39 -21.33
CA ASN B 154 1.40 2.03 -20.95
C ASN B 154 0.99 2.04 -19.48
N LEU B 155 -0.30 2.20 -19.22
CA LEU B 155 -0.79 2.62 -17.91
C LEU B 155 -1.20 1.43 -17.06
N TYR B 156 -1.45 1.79 -15.80
CA TYR B 156 -1.91 0.80 -14.82
C TYR B 156 -3.12 1.43 -14.15
N LEU B 157 -3.96 0.63 -13.52
CA LEU B 157 -5.19 1.08 -12.87
C LEU B 157 -5.26 0.46 -11.48
N VAL B 158 -5.92 1.18 -10.57
CA VAL B 158 -6.03 0.77 -9.18
C VAL B 158 -7.21 -0.18 -9.01
N THR B 159 -6.92 -1.39 -8.57
CA THR B 159 -7.93 -2.43 -8.34
C THR B 159 -8.13 -2.73 -6.86
N GLU B 160 -7.06 -3.11 -6.16
CA GLU B 160 -7.10 -3.34 -4.73
C GLU B 160 -6.34 -2.23 -4.02
N THR B 161 -7.05 -1.51 -3.15
CA THR B 161 -6.49 -0.36 -2.45
C THR B 161 -6.67 -0.52 -0.95
N LEU B 162 -5.75 0.07 -0.19
CA LEU B 162 -5.70 -0.11 1.27
C LEU B 162 -6.09 1.20 1.94
N GLU B 163 -7.34 1.28 2.38
CA GLU B 163 -7.83 2.47 3.08
C GLU B 163 -7.59 2.39 4.57
N THR B 164 -7.66 3.55 5.22
CA THR B 164 -7.60 3.65 6.66
C THR B 164 -9.00 3.92 7.23
N VAL B 165 -9.41 3.09 8.17
CA VAL B 165 -10.75 3.16 8.75
C VAL B 165 -10.82 4.09 9.96
N LYS B 166 -9.75 4.21 10.73
CA LYS B 166 -9.75 5.01 11.95
C LYS B 166 -8.58 5.99 11.91
N GLU B 167 -8.79 7.17 12.48
CA GLU B 167 -7.74 8.17 12.56
C GLU B 167 -6.49 7.56 13.21
N GLU B 168 -5.37 7.61 12.48
CA GLU B 168 -4.23 6.75 12.77
C GLU B 168 -2.92 7.57 12.75
N THR B 169 -2.91 8.65 13.51
CA THR B 169 -1.68 9.41 13.68
C THR B 169 -0.63 8.55 14.38
N LEU B 170 0.40 8.13 13.66
CA LEU B 170 1.41 7.20 14.16
C LEU B 170 2.81 7.75 13.87
N LYS B 171 3.63 7.84 14.91
CA LYS B 171 4.97 8.42 14.80
C LYS B 171 5.95 7.39 14.25
N SER B 172 7.05 7.86 13.65
CA SER B 172 7.96 6.99 12.91
C SER B 172 9.26 7.77 12.66
N ASP B 173 10.31 7.12 12.18
CA ASP B 173 11.58 7.89 12.07
C ASP B 173 12.13 7.93 10.65
N ARG B 174 12.68 6.82 10.14
CA ARG B 174 13.36 6.85 8.84
C ARG B 174 13.96 5.47 8.55
N GLN B 175 14.24 5.16 7.28
CA GLN B 175 15.26 4.17 6.90
C GLN B 175 15.58 4.27 5.40
N TYR B 176 16.74 3.77 5.01
CA TYR B 176 17.10 3.55 3.61
C TYR B 176 18.10 2.40 3.61
N LYS B 177 18.90 2.36 2.53
CA LYS B 177 19.80 1.19 2.28
C LYS B 177 21.29 1.51 2.39
N PHE B 178 22.02 1.63 1.26
CA PHE B 178 23.50 1.69 1.43
C PHE B 178 23.92 2.98 0.73
N TRP B 179 22.95 3.85 0.43
CA TRP B 179 23.31 5.18 -0.13
C TRP B 179 23.63 5.87 1.19
N SER B 180 24.63 5.35 1.91
CA SER B 180 24.94 5.81 3.26
C SER B 180 26.40 6.15 2.96
N GLN B 181 26.83 6.04 1.69
CA GLN B 181 28.15 6.54 1.31
C GLN B 181 28.29 8.04 1.59
N ILE B 182 27.17 8.75 1.62
CA ILE B 182 27.17 10.16 2.01
C ILE B 182 27.66 10.28 3.45
N SER B 183 27.19 9.38 4.31
CA SER B 183 27.59 9.35 5.71
C SER B 183 29.00 8.78 5.86
N GLN B 184 29.49 8.08 4.83
CA GLN B 184 30.85 7.57 4.90
C GLN B 184 31.89 8.62 4.51
N GLY B 185 31.50 9.62 3.72
CA GLY B 185 32.50 10.55 3.21
C GLY B 185 33.12 11.45 4.26
N HIS B 186 32.40 12.47 4.73
CA HIS B 186 32.79 13.23 5.90
C HIS B 186 31.61 13.54 6.82
N LEU B 187 30.39 13.49 6.30
CA LEU B 187 29.20 13.66 7.14
C LEU B 187 29.00 12.37 7.94
N SER B 188 28.04 12.35 8.86
CA SER B 188 27.84 11.16 9.68
C SER B 188 26.40 10.66 9.60
N TYR B 189 25.47 11.55 9.25
CA TYR B 189 24.04 11.22 9.18
C TYR B 189 23.56 10.56 10.47
N LYS B 190 23.60 11.30 11.57
CA LYS B 190 23.13 10.81 12.85
C LYS B 190 21.83 11.48 13.29
N HIS B 191 20.98 11.88 12.33
CA HIS B 191 19.81 12.69 12.63
C HIS B 191 18.61 11.81 12.98
N LYS B 192 17.50 12.48 13.30
CA LYS B 192 16.31 11.81 13.83
C LYS B 192 15.09 12.34 13.06
N GLY B 193 14.37 11.44 12.40
CA GLY B 193 13.20 11.81 11.63
C GLY B 193 11.89 11.69 12.39
N GLN B 194 11.70 12.50 13.43
CA GLN B 194 10.58 12.35 14.35
C GLN B 194 9.70 13.16 13.41
N ARG B 195 8.90 12.48 12.59
CA ARG B 195 7.97 13.09 11.62
C ARG B 195 6.81 12.20 12.04
N GLU B 196 5.70 12.87 12.39
CA GLU B 196 4.47 12.16 12.85
C GLU B 196 3.30 12.73 12.03
N VAL B 197 3.04 12.11 10.88
CA VAL B 197 1.96 12.62 10.00
C VAL B 197 0.62 12.05 10.45
N THR B 198 -0.43 12.84 10.30
CA THR B 198 -1.78 12.45 10.70
C THR B 198 -2.45 11.72 9.54
N ILE B 199 -3.19 10.66 9.86
CA ILE B 199 -3.96 9.91 8.87
C ILE B 199 -5.40 9.84 9.36
N PRO B 200 -6.31 10.62 8.78
CA PRO B 200 -7.71 10.59 9.21
C PRO B 200 -8.39 9.33 8.69
N PRO B 201 -9.60 9.03 9.18
CA PRO B 201 -10.34 7.88 8.64
C PRO B 201 -10.68 8.08 7.17
N ASN B 202 -10.95 6.96 6.49
CA ASN B 202 -11.20 6.97 5.05
C ASN B 202 -10.00 7.58 4.34
N ARG B 203 -8.86 6.88 4.40
CA ARG B 203 -7.61 7.35 3.82
C ARG B 203 -7.15 6.26 2.85
N VAL B 204 -5.90 6.33 2.40
CA VAL B 204 -5.35 5.37 1.44
C VAL B 204 -3.91 5.06 1.81
N LEU B 205 -3.52 3.79 1.68
CA LEU B 205 -2.14 3.37 1.90
C LEU B 205 -1.45 2.86 0.65
N SER B 206 -2.04 1.86 -0.01
CA SER B 206 -1.42 1.26 -1.17
C SER B 206 -2.49 0.71 -2.09
N TYR B 207 -2.14 0.54 -3.36
CA TYR B 207 -3.08 0.24 -4.42
C TYR B 207 -2.49 -0.79 -5.38
N ARG B 208 -3.30 -1.79 -5.72
CA ARG B 208 -2.91 -2.79 -6.70
C ARG B 208 -3.04 -2.20 -8.09
N VAL B 209 -2.04 -2.39 -8.93
CA VAL B 209 -2.00 -1.79 -10.26
C VAL B 209 -2.03 -2.90 -11.30
N LYS B 210 -2.95 -2.78 -12.25
CA LYS B 210 -3.08 -3.74 -13.34
C LYS B 210 -3.41 -2.99 -14.62
N GLN B 211 -2.88 -3.46 -15.75
CA GLN B 211 -2.95 -2.69 -16.98
C GLN B 211 -4.03 -3.07 -17.98
N LEU B 212 -4.86 -2.08 -18.25
CA LEU B 212 -5.79 -2.13 -19.39
C LEU B 212 -5.18 -0.94 -20.12
N VAL B 213 -4.53 -1.11 -21.26
CA VAL B 213 -3.71 -0.05 -21.90
C VAL B 213 -4.81 0.26 -22.90
N PHE B 214 -4.56 1.14 -23.85
CA PHE B 214 -5.66 1.80 -24.61
C PHE B 214 -6.13 0.92 -25.77
N PRO B 215 -7.46 0.61 -25.84
CA PRO B 215 -8.03 0.01 -27.04
C PRO B 215 -7.75 1.23 -27.92
N ASN B 216 -7.27 1.03 -29.13
CA ASN B 216 -6.79 2.16 -29.95
C ASN B 216 -8.15 2.79 -30.27
N LYS B 217 -8.52 3.85 -29.54
CA LYS B 217 -9.83 4.47 -29.74
C LYS B 217 -9.70 5.81 -30.45
N ARG B 252 24.91 8.28 -24.80
CA ARG B 252 25.77 9.02 -23.87
C ARG B 252 25.54 8.62 -22.41
N ASN B 253 26.61 8.23 -21.73
CA ASN B 253 26.56 8.22 -20.28
C ASN B 253 26.28 9.63 -19.79
N MET B 254 25.53 9.74 -18.67
CA MET B 254 24.94 11.04 -18.39
C MET B 254 26.03 12.01 -17.94
N LYS B 255 27.25 11.52 -17.73
CA LYS B 255 28.40 12.43 -17.63
C LYS B 255 28.63 13.20 -18.93
N GLU B 256 28.60 12.50 -20.07
CA GLU B 256 28.78 13.19 -21.34
C GLU B 256 27.52 13.96 -21.73
N LYS B 257 26.35 13.38 -21.44
CA LYS B 257 25.11 14.14 -21.53
C LYS B 257 25.24 15.45 -20.75
N LEU B 258 25.79 15.36 -19.54
CA LEU B 258 25.87 16.48 -18.63
C LEU B 258 26.95 17.45 -19.06
N GLU B 259 27.93 16.97 -19.82
CA GLU B 259 28.89 17.87 -20.46
C GLU B 259 28.20 18.73 -21.51
N ASP B 260 27.38 18.10 -22.36
CA ASP B 260 26.62 18.86 -23.35
C ASP B 260 25.71 19.88 -22.66
N MET B 261 24.98 19.43 -21.64
CA MET B 261 24.14 20.35 -20.87
C MET B 261 24.99 21.40 -20.16
N GLU B 262 26.20 21.04 -19.74
CA GLU B 262 27.05 21.98 -19.04
C GLU B 262 27.42 23.14 -19.94
N SER B 263 27.69 22.85 -21.21
CA SER B 263 27.86 23.95 -22.16
C SER B 263 26.58 24.76 -22.33
N VAL B 264 25.50 24.09 -22.77
CA VAL B 264 24.27 24.82 -23.12
C VAL B 264 23.65 25.49 -21.90
N LEU B 265 24.22 25.26 -20.73
CA LEU B 265 23.64 25.78 -19.49
C LEU B 265 24.60 26.70 -18.75
N LYS B 266 25.91 26.53 -18.97
CA LYS B 266 26.85 27.63 -18.81
C LYS B 266 26.38 28.84 -19.57
N ASP B 267 25.60 28.60 -20.64
CA ASP B 267 24.92 29.69 -21.33
C ASP B 267 23.91 30.47 -20.47
N LEU B 268 23.66 30.04 -19.22
CA LEU B 268 22.57 30.66 -18.39
C LEU B 268 22.87 32.05 -17.82
N THR B 269 21.96 32.57 -16.97
CA THR B 269 22.12 33.92 -16.36
C THR B 269 22.05 33.91 -14.83
N GLU B 270 22.35 35.03 -14.16
CA GLU B 270 22.44 35.07 -12.70
C GLU B 270 21.10 35.32 -12.02
N GLU B 271 20.45 36.44 -12.30
CA GLU B 271 19.21 36.79 -11.61
C GLU B 271 18.08 35.84 -12.02
N LYS B 272 18.03 35.49 -13.31
CA LYS B 272 17.14 34.42 -13.74
C LYS B 272 17.39 33.16 -12.94
N ARG B 273 18.67 32.85 -12.67
CA ARG B 273 18.98 31.66 -11.90
C ARG B 273 18.53 31.78 -10.45
N LYS B 274 18.63 32.98 -9.88
CA LYS B 274 18.15 33.16 -8.50
C LYS B 274 16.65 32.95 -8.42
N ASP B 275 15.95 33.26 -9.51
CA ASP B 275 14.50 32.91 -9.48
C ASP B 275 14.41 31.39 -9.64
N VAL B 276 15.29 30.79 -10.45
CA VAL B 276 15.31 29.33 -10.54
C VAL B 276 15.42 28.73 -9.15
N LEU B 277 16.31 29.27 -8.34
CA LEU B 277 16.60 28.75 -7.02
C LEU B 277 15.42 28.94 -6.08
N ASN B 278 14.78 30.12 -6.13
CA ASN B 278 13.59 30.37 -5.27
C ASN B 278 12.43 29.48 -5.72
N SER B 279 12.23 29.35 -7.03
CA SER B 279 11.17 28.51 -7.57
C SER B 279 11.38 27.05 -7.22
N LEU B 280 12.64 26.60 -7.26
CA LEU B 280 12.94 25.25 -6.80
C LEU B 280 12.86 25.13 -5.30
N ALA B 281 13.06 26.23 -4.56
CA ALA B 281 12.77 26.20 -3.13
C ALA B 281 11.33 25.78 -2.91
N LYS B 282 10.37 26.53 -3.46
CA LYS B 282 8.98 26.13 -3.28
C LYS B 282 8.70 24.76 -3.90
N CYS B 283 9.24 24.50 -5.09
CA CYS B 283 8.96 23.26 -5.81
C CYS B 283 9.47 22.03 -5.06
N LEU B 284 10.79 21.95 -4.91
CA LEU B 284 11.47 20.82 -4.30
C LEU B 284 11.79 21.16 -2.85
N GLY B 285 10.88 21.88 -2.19
CA GLY B 285 10.89 21.90 -0.74
C GLY B 285 9.69 21.18 -0.14
N LYS B 286 8.54 21.34 -0.79
CA LYS B 286 7.30 20.69 -0.40
C LYS B 286 6.74 19.94 -1.61
N GLU B 287 6.01 18.85 -1.34
CA GLU B 287 5.52 17.99 -2.42
C GLU B 287 4.68 18.75 -3.44
N ASP B 288 3.66 19.49 -2.98
CA ASP B 288 2.68 20.09 -3.86
C ASP B 288 3.30 20.96 -4.96
N ILE B 289 4.18 21.87 -4.57
CA ILE B 289 4.75 22.78 -5.55
C ILE B 289 5.69 22.03 -6.50
N ARG B 290 6.14 20.83 -6.11
CA ARG B 290 6.90 20.03 -7.06
C ARG B 290 6.04 19.65 -8.27
N GLN B 291 4.83 19.12 -8.02
CA GLN B 291 3.96 18.82 -9.16
C GLN B 291 3.47 20.10 -9.83
N ASP B 292 3.37 21.20 -9.08
CA ASP B 292 3.04 22.48 -9.71
C ASP B 292 4.07 22.84 -10.78
N LEU B 293 5.33 22.99 -10.38
CA LEU B 293 6.37 23.34 -11.34
C LEU B 293 6.59 22.23 -12.36
N GLU B 294 6.30 20.98 -11.98
CA GLU B 294 6.39 19.87 -12.92
C GLU B 294 5.43 20.05 -14.08
N GLN B 295 4.15 20.30 -13.76
CA GLN B 295 3.16 20.54 -14.79
C GLN B 295 3.52 21.77 -15.61
N ARG B 296 3.98 22.82 -14.93
CA ARG B 296 4.33 24.08 -15.64
C ARG B 296 5.44 23.79 -16.66
N VAL B 297 6.51 23.11 -16.23
CA VAL B 297 7.66 22.88 -17.09
C VAL B 297 7.33 21.91 -18.21
N SER B 298 6.51 20.90 -17.92
CA SER B 298 6.07 20.00 -18.97
C SER B 298 5.24 20.75 -20.01
N GLU B 299 4.39 21.67 -19.56
CA GLU B 299 3.62 22.50 -20.48
C GLU B 299 4.54 23.40 -21.29
N VAL B 300 5.62 23.90 -20.67
CA VAL B 300 6.61 24.68 -21.39
C VAL B 300 7.24 23.85 -22.50
N LEU B 301 7.58 22.59 -22.18
CA LEU B 301 8.15 21.69 -23.18
C LEU B 301 7.21 21.41 -24.33
N ILE B 302 5.94 21.10 -24.05
CA ILE B 302 5.04 20.64 -25.11
C ILE B 302 4.52 21.83 -25.90
N SER B 303 3.95 22.82 -25.22
CA SER B 303 3.42 24.00 -25.89
C SER B 303 4.51 24.88 -26.49
N GLY B 304 5.64 25.05 -25.80
CA GLY B 304 6.71 25.88 -26.29
C GLY B 304 6.34 27.35 -26.38
N GLU B 305 5.59 27.85 -25.39
CA GLU B 305 5.18 29.24 -25.35
C GLU B 305 5.28 29.73 -23.92
N LEU B 306 4.71 30.90 -23.64
CA LEU B 306 4.89 31.56 -22.35
C LEU B 306 3.59 32.24 -21.95
N HIS B 307 3.13 31.97 -20.73
CA HIS B 307 2.06 32.74 -20.12
C HIS B 307 2.66 33.65 -19.06
N MET B 308 2.41 34.96 -19.19
CA MET B 308 3.15 35.94 -18.40
C MET B 308 2.66 36.01 -16.95
N GLU B 309 1.80 35.11 -16.52
CA GLU B 309 1.39 35.02 -15.12
C GLU B 309 2.11 33.93 -14.36
N ASP B 310 3.25 33.48 -14.87
CA ASP B 310 3.99 32.41 -14.20
C ASP B 310 4.87 33.00 -13.11
N PRO B 311 4.80 32.50 -11.87
CA PRO B 311 5.74 32.95 -10.84
C PRO B 311 7.18 32.62 -11.18
N ASP B 312 7.40 31.68 -12.10
CA ASP B 312 8.72 31.24 -12.51
C ASP B 312 9.22 32.01 -13.74
N LYS B 313 8.76 33.25 -13.89
CA LYS B 313 9.01 34.04 -15.09
C LYS B 313 10.49 34.26 -15.42
N PRO B 314 11.37 34.56 -14.46
CA PRO B 314 12.79 34.71 -14.86
C PRO B 314 13.45 33.42 -15.32
N LEU B 315 13.03 32.25 -14.82
CA LEU B 315 13.55 31.02 -15.44
C LEU B 315 12.96 30.83 -16.81
N LEU B 316 11.70 31.23 -17.02
CA LEU B 316 11.18 31.25 -18.38
C LEU B 316 12.04 32.12 -19.29
N SER B 317 12.44 33.30 -18.81
CA SER B 317 13.38 34.14 -19.53
C SER B 317 14.79 33.56 -19.51
N SER B 318 15.00 32.48 -18.76
CA SER B 318 16.26 31.74 -18.80
C SER B 318 16.22 30.53 -19.73
N LEU B 319 15.20 29.67 -19.62
CA LEU B 319 15.04 28.58 -20.58
C LEU B 319 14.95 29.10 -22.01
N PHE B 320 14.05 30.04 -22.26
CA PHE B 320 14.22 30.97 -23.37
C PHE B 320 15.49 31.76 -23.09
N ASN B 321 16.41 31.76 -24.04
CA ASN B 321 17.75 32.25 -23.74
C ASN B 321 17.75 33.77 -23.54
N ALA B 322 18.94 34.34 -23.38
CA ALA B 322 19.06 35.78 -23.16
C ALA B 322 18.41 36.58 -24.28
N ALA B 323 18.29 36.01 -25.47
CA ALA B 323 17.54 36.61 -26.56
C ALA B 323 16.07 36.22 -26.55
N GLY B 324 15.63 35.42 -25.58
CA GLY B 324 14.24 35.03 -25.49
C GLY B 324 13.85 33.82 -26.31
N VAL B 325 14.81 33.09 -26.85
CA VAL B 325 14.54 31.91 -27.66
C VAL B 325 14.66 30.68 -26.78
N LEU B 326 13.61 29.84 -26.80
CA LEU B 326 13.59 28.67 -25.93
C LEU B 326 14.67 27.68 -26.33
N VAL B 327 15.71 27.59 -25.52
CA VAL B 327 16.75 26.58 -25.70
C VAL B 327 16.14 25.27 -25.23
N GLU B 328 15.76 24.43 -26.20
CA GLU B 328 15.20 23.12 -25.87
C GLU B 328 16.16 22.32 -25.03
N ALA B 329 17.47 22.55 -25.18
CA ALA B 329 18.43 21.93 -24.29
C ALA B 329 18.23 22.36 -22.85
N ARG B 330 18.00 23.67 -22.62
CA ARG B 330 17.75 24.15 -21.27
C ARG B 330 16.43 23.60 -20.73
N ALA B 331 15.41 23.50 -21.59
CA ALA B 331 14.13 22.97 -21.13
C ALA B 331 14.26 21.49 -20.74
N LYS B 332 14.86 20.69 -21.60
CA LYS B 332 15.08 19.28 -21.26
C LYS B 332 16.07 19.15 -20.12
N ALA B 333 16.85 20.21 -19.86
CA ALA B 333 17.80 20.17 -18.77
C ALA B 333 17.13 20.39 -17.42
N ILE B 334 16.25 21.38 -17.32
CA ILE B 334 15.46 21.51 -16.10
C ILE B 334 14.56 20.28 -15.95
N LEU B 335 14.16 19.69 -17.07
CA LEU B 335 13.36 18.46 -16.99
C LEU B 335 14.18 17.30 -16.44
N ASP B 336 15.45 17.16 -16.85
CA ASP B 336 16.26 16.07 -16.32
C ASP B 336 16.64 16.35 -14.87
N PHE B 337 16.80 17.62 -14.51
CA PHE B 337 16.81 17.96 -13.10
C PHE B 337 15.60 17.38 -12.39
N LEU B 338 14.41 17.83 -12.75
CA LEU B 338 13.21 17.44 -12.03
C LEU B 338 13.04 15.93 -12.00
N ASP B 339 13.43 15.23 -13.08
CA ASP B 339 13.42 13.77 -13.05
C ASP B 339 14.35 13.26 -11.96
N ALA B 340 15.61 13.71 -11.97
CA ALA B 340 16.59 13.24 -11.00
C ALA B 340 16.19 13.58 -9.57
N LEU B 341 15.53 14.73 -9.39
CA LEU B 341 15.22 15.25 -8.07
C LEU B 341 13.96 14.62 -7.50
N LEU B 342 12.91 14.47 -8.31
CA LEU B 342 11.75 13.70 -7.89
C LEU B 342 12.10 12.23 -7.70
N GLU B 343 13.14 11.74 -8.39
CA GLU B 343 13.72 10.45 -8.01
C GLU B 343 14.26 10.48 -6.60
N LEU B 344 14.80 11.62 -6.16
CA LEU B 344 15.14 11.84 -4.76
C LEU B 344 13.85 12.17 -4.01
N SER B 345 13.06 11.12 -3.76
CA SER B 345 11.83 11.26 -3.00
C SER B 345 12.12 11.87 -1.63
N GLU B 346 11.23 12.78 -1.20
CA GLU B 346 11.26 13.54 0.06
C GLU B 346 12.60 14.23 0.32
N GLU B 347 13.47 14.34 -0.68
CA GLU B 347 14.66 15.18 -0.54
C GLU B 347 14.27 16.65 -0.61
N GLN B 348 12.98 16.95 -0.65
CA GLN B 348 12.48 18.30 -0.85
C GLN B 348 12.86 19.25 0.28
N GLN B 349 12.57 18.86 1.51
CA GLN B 349 12.94 19.70 2.64
C GLN B 349 14.45 19.94 2.65
N PHE B 350 15.22 18.92 2.29
CA PHE B 350 16.68 19.03 2.31
C PHE B 350 17.18 19.94 1.20
N VAL B 351 16.48 19.99 0.06
CA VAL B 351 16.95 20.83 -1.04
C VAL B 351 16.53 22.27 -0.84
N ALA B 352 15.38 22.50 -0.20
CA ALA B 352 15.05 23.85 0.24
C ALA B 352 16.08 24.34 1.27
N GLU B 353 16.42 23.47 2.22
CA GLU B 353 17.52 23.75 3.14
C GLU B 353 18.80 24.06 2.37
N ALA B 354 19.05 23.33 1.28
CA ALA B 354 20.26 23.52 0.50
C ALA B 354 20.28 24.85 -0.23
N LEU B 355 19.12 25.31 -0.71
CA LEU B 355 19.06 26.67 -1.26
C LEU B 355 19.38 27.68 -0.17
N GLU B 356 18.74 27.55 0.99
CA GLU B 356 19.07 28.44 2.10
C GLU B 356 20.55 28.38 2.46
N LYS B 357 21.19 27.23 2.31
CA LYS B 357 22.59 27.00 2.61
C LYS B 357 23.56 27.57 1.59
N GLY B 358 23.30 27.40 0.30
CA GLY B 358 24.30 27.67 -0.72
C GLY B 358 25.39 26.62 -0.76
N THR B 359 25.12 25.42 -0.26
CA THR B 359 26.14 24.37 -0.11
C THR B 359 25.83 23.13 -0.95
N LEU B 360 25.22 23.32 -2.12
CA LEU B 360 25.10 22.21 -3.08
C LEU B 360 26.47 21.69 -3.52
N PRO B 361 27.45 22.58 -3.88
CA PRO B 361 28.80 22.09 -4.19
C PRO B 361 29.31 21.02 -3.25
N LEU B 362 29.11 21.22 -1.94
CA LEU B 362 29.48 20.20 -0.96
C LEU B 362 28.74 18.89 -1.22
N LEU B 363 27.40 18.96 -1.31
CA LEU B 363 26.59 17.77 -1.55
C LEU B 363 27.12 16.99 -2.73
N LYS B 364 27.18 17.62 -3.90
CA LYS B 364 27.62 16.84 -5.04
C LYS B 364 29.05 16.38 -4.83
N ASP B 365 29.99 17.30 -4.63
CA ASP B 365 31.41 16.92 -4.52
C ASP B 365 31.60 15.63 -3.74
N GLN B 366 30.93 15.52 -2.57
CA GLN B 366 30.84 14.23 -1.90
C GLN B 366 30.37 13.13 -2.86
N VAL B 367 29.19 13.32 -3.46
CA VAL B 367 28.68 12.24 -4.31
C VAL B 367 29.30 12.32 -5.70
N LYS B 368 30.22 13.25 -5.90
CA LYS B 368 31.08 13.31 -7.08
C LYS B 368 32.14 12.23 -7.03
N SER B 369 32.91 12.22 -5.94
CA SER B 369 33.69 11.02 -5.62
C SER B 369 32.80 9.78 -5.69
N VAL B 370 31.60 9.86 -5.12
CA VAL B 370 30.73 8.68 -5.08
C VAL B 370 30.22 8.30 -6.48
N MET B 371 29.91 9.29 -7.33
CA MET B 371 29.43 8.95 -8.67
C MET B 371 30.56 8.35 -9.50
N GLU B 372 31.76 8.93 -9.41
CA GLU B 372 32.87 8.40 -10.16
C GLU B 372 33.25 7.01 -9.68
N GLN B 373 32.90 6.67 -8.43
CA GLN B 373 32.96 5.26 -8.08
C GLN B 373 31.84 4.47 -8.77
N ASN B 374 30.62 5.02 -8.72
CA ASN B 374 29.44 4.25 -9.21
C ASN B 374 29.02 4.61 -10.63
N TRP B 375 29.63 3.97 -11.63
CA TRP B 375 29.16 4.12 -13.03
C TRP B 375 28.88 2.71 -13.50
N ASP B 376 28.97 1.75 -12.59
CA ASP B 376 28.75 0.34 -12.90
C ASP B 376 27.30 0.06 -13.26
N GLU B 377 26.35 0.71 -12.56
CA GLU B 377 24.98 0.22 -12.50
C GLU B 377 24.00 0.94 -13.42
N LEU B 378 24.23 2.20 -13.79
CA LEU B 378 23.38 2.78 -14.83
C LEU B 378 23.82 2.34 -16.22
N ALA B 379 24.96 1.67 -16.30
CA ALA B 379 25.35 1.01 -17.54
C ALA B 379 25.00 -0.47 -17.51
N SER B 380 25.04 -1.11 -16.33
CA SER B 380 24.60 -2.49 -16.19
C SER B 380 23.11 -2.66 -16.43
N SER B 381 22.27 -1.78 -15.88
CA SER B 381 20.83 -1.86 -16.09
C SER B 381 20.47 -1.18 -17.40
N PRO B 382 19.85 -1.88 -18.34
CA PRO B 382 19.46 -1.24 -19.60
C PRO B 382 18.44 -0.16 -19.35
N PRO B 383 18.35 0.84 -20.23
CA PRO B 383 17.45 1.97 -19.98
C PRO B 383 15.98 1.60 -19.86
N ASP B 384 15.57 0.47 -20.44
CA ASP B 384 14.17 0.05 -20.40
C ASP B 384 13.87 -0.93 -19.27
N MET B 385 14.88 -1.41 -18.57
CA MET B 385 14.71 -2.34 -17.45
C MET B 385 14.87 -1.58 -16.13
N ASP B 386 14.54 -2.23 -15.03
CA ASP B 386 14.63 -1.63 -13.71
C ASP B 386 16.07 -1.28 -13.35
N TYR B 387 16.30 -0.02 -12.99
CA TYR B 387 17.64 0.42 -12.61
C TYR B 387 17.91 0.09 -11.15
N ASP B 388 19.07 0.52 -10.66
CA ASP B 388 19.32 0.56 -9.24
C ASP B 388 18.88 1.92 -8.69
N PRO B 389 17.85 1.96 -7.83
CA PRO B 389 17.37 3.26 -7.33
C PRO B 389 18.43 4.07 -6.60
N GLU B 390 19.29 3.39 -5.83
CA GLU B 390 20.35 4.09 -5.10
C GLU B 390 21.32 4.74 -6.07
N ALA B 391 21.71 4.02 -7.11
CA ALA B 391 22.61 4.59 -8.11
C ALA B 391 21.94 5.72 -8.89
N ARG B 392 20.63 5.62 -9.08
CA ARG B 392 19.90 6.72 -9.70
C ARG B 392 19.92 7.96 -8.81
N ILE B 393 19.75 7.76 -7.51
CA ILE B 393 19.88 8.92 -6.57
C ILE B 393 21.29 9.48 -6.72
N LEU B 394 22.29 8.60 -6.72
CA LEU B 394 23.71 9.04 -6.83
C LEU B 394 23.89 9.92 -8.07
N CYS B 395 23.62 9.38 -9.26
CA CYS B 395 23.77 10.12 -10.50
C CYS B 395 22.89 11.36 -10.50
N ALA B 396 21.78 11.30 -9.77
CA ALA B 396 20.90 12.44 -9.66
C ALA B 396 21.58 13.60 -8.98
N LEU B 397 22.28 13.35 -7.87
CA LEU B 397 22.99 14.43 -7.18
C LEU B 397 24.14 14.96 -8.03
N TYR B 398 24.76 14.06 -8.79
CA TYR B 398 25.78 14.53 -9.75
C TYR B 398 25.09 15.56 -10.64
N VAL B 399 23.97 15.16 -11.27
CA VAL B 399 23.24 16.07 -12.16
C VAL B 399 22.85 17.35 -11.46
N VAL B 400 22.55 17.25 -10.16
CA VAL B 400 22.01 18.35 -9.39
C VAL B 400 23.04 19.46 -9.40
N VAL B 401 24.19 19.19 -8.80
CA VAL B 401 25.10 20.32 -8.59
C VAL B 401 26.04 20.50 -9.78
N SER B 402 26.42 19.42 -10.48
CA SER B 402 27.13 19.59 -11.74
C SER B 402 26.49 20.70 -12.55
N ILE B 403 25.24 20.50 -12.97
CA ILE B 403 24.55 21.57 -13.67
C ILE B 403 24.44 22.80 -12.79
N LEU B 404 23.80 22.68 -11.64
CA LEU B 404 23.38 23.84 -10.86
C LEU B 404 24.52 24.80 -10.57
N LEU B 405 25.75 24.27 -10.42
CA LEU B 405 26.93 25.13 -10.18
C LEU B 405 27.42 25.70 -11.52
N GLU B 406 27.49 24.88 -12.57
CA GLU B 406 27.87 25.40 -13.88
C GLU B 406 26.92 26.52 -14.29
N LEU B 407 25.66 26.41 -13.88
CA LEU B 407 24.69 27.50 -13.88
C LEU B 407 25.11 28.65 -12.96
N ALA B 408 25.16 28.40 -11.65
CA ALA B 408 25.19 29.44 -10.64
C ALA B 408 26.40 30.35 -10.78
N GLU B 409 27.46 29.87 -11.40
CA GLU B 409 28.57 30.75 -11.73
C GLU B 409 28.33 31.32 -13.12
N GLY B 410 28.44 32.65 -13.25
CA GLY B 410 27.97 33.37 -14.40
C GLY B 410 28.45 32.83 -15.74
N PRO B 411 27.73 33.17 -16.81
CA PRO B 411 28.03 32.68 -18.17
C PRO B 411 29.29 33.32 -18.76
#